data_1S49
#
_entry.id   1S49
#
_cell.length_a   205.727
_cell.length_b   205.727
_cell.length_c   99.597
_cell.angle_alpha   90.00
_cell.angle_beta   90.00
_cell.angle_gamma   120.00
#
_symmetry.space_group_name_H-M   'P 62 2 2'
#
loop_
_entity.id
_entity.type
_entity.pdbx_description
1 polymer 'RNA-dependent RNA polymerase'
2 non-polymer "GUANOSINE-5'-TRIPHOSPHATE"
#
_entity_poly.entity_id   1
_entity_poly.type   'polypeptide(L)'
_entity_poly.pdbx_seq_one_letter_code
;AYLKLKDFIEEEEKKPRVKDTVIREHNKWILKKIRFQGNLNTKK(MSE)LNPGKLSEQLDREGRKRNIYNHQIGTI
(MSE)SSAGIRLEKLPIVRAQTDTKTFHEAIRDKIDKSENRQNPELHNKLLEIFHTIAQPTLKHTYGEVTWEQLEAGVNR
KGAAGFLEKKNIGEVLDSEKHLVEQLVRDLKAGRKIKYYETAIPKNEKRDVSDDWQAGDLVVEKRPRVIQYPEAKTRLAI
TKV(MSE)YNWVKQQPVVIPGYEGKTPLFNIFDKVRKEWDSFNEPVAVSFDTKAWDTQVTSKDLQLIGEIQKYYYKKEWH
KFIDTITDH(MSE)TEVPVITADGEVYIRNGQRGSGQPDTSAGNS(MSE)LNVLT(MSE)(MSE)YAFCESTGVPYKSFN
RVARIHVCGDDGFLITEKGLGLKFANKG(MSE)QILHEAGKPQKITEGEK(MSE)KVAYRFEDIEFCSHTPVPVRWSDNT
SSH(MSE)AGRDTAVILSK(MSE)ATRLDSSGERGTTAYEKAVAFSFLL(MSE)YSWNPLVRRICLLVLSQQPETDPSKH
ATYYYKGDPIGAYKDVIGRNLSELKRTGFEKLANLNLSLSTLGVWTKHTSKRIIQDCVAIGKEEGNWLVKPDRLISSKTG
HLYIPDKGFTLQGKHYEQLQL
;
_entity_poly.pdbx_strand_id   A
#
# COMPACT_ATOMS: atom_id res chain seq x y z
N VAL A 22 -4.85 -45.97 -5.76
CA VAL A 22 -5.49 -46.82 -4.69
C VAL A 22 -4.56 -47.00 -3.50
N ILE A 23 -4.91 -46.39 -2.38
CA ILE A 23 -4.09 -46.51 -1.18
C ILE A 23 -4.69 -47.44 -0.14
N ARG A 24 -3.83 -48.05 0.68
CA ARG A 24 -4.29 -48.97 1.69
C ARG A 24 -5.26 -48.36 2.68
N GLU A 25 -6.11 -49.22 3.23
CA GLU A 25 -7.12 -48.80 4.18
C GLU A 25 -6.60 -48.07 5.40
N HIS A 26 -5.71 -48.71 6.16
CA HIS A 26 -5.18 -48.06 7.35
C HIS A 26 -4.48 -46.74 7.05
N ASN A 27 -4.50 -46.33 5.78
CA ASN A 27 -3.87 -45.07 5.37
C ASN A 27 -4.85 -44.02 4.86
N LYS A 28 -6.11 -44.40 4.70
CA LYS A 28 -7.14 -43.48 4.19
C LYS A 28 -7.57 -42.40 5.18
N TRP A 29 -7.39 -42.68 6.46
CA TRP A 29 -7.74 -41.71 7.49
C TRP A 29 -7.12 -40.34 7.19
N ILE A 30 -5.91 -40.34 6.62
CA ILE A 30 -5.21 -39.09 6.29
C ILE A 30 -6.10 -38.19 5.43
N LEU A 31 -6.80 -38.82 4.49
CA LEU A 31 -7.68 -38.13 3.57
C LEU A 31 -8.71 -37.22 4.26
N LYS A 32 -9.18 -37.62 5.43
CA LYS A 32 -10.15 -36.84 6.17
C LYS A 32 -9.62 -35.43 6.45
N LYS A 33 -8.32 -35.22 6.28
CA LYS A 33 -7.72 -33.92 6.55
C LYS A 33 -7.30 -33.05 5.37
N ILE A 34 -7.31 -33.59 4.16
CA ILE A 34 -6.96 -32.76 3.02
C ILE A 34 -8.03 -31.64 2.97
N ARG A 35 -7.60 -30.43 2.60
CA ARG A 35 -8.52 -29.30 2.53
C ARG A 35 -8.26 -28.54 1.24
N PHE A 36 -7.19 -28.91 0.55
CA PHE A 36 -6.83 -28.26 -0.69
C PHE A 36 -6.21 -29.23 -1.65
N GLN A 37 -6.28 -28.91 -2.94
CA GLN A 37 -5.68 -29.76 -3.96
C GLN A 37 -4.19 -29.76 -3.71
N GLY A 38 -3.53 -30.83 -4.13
CA GLY A 38 -2.09 -30.94 -3.94
C GLY A 38 -1.30 -30.10 -4.94
N ASN A 39 -0.12 -29.64 -4.53
CA ASN A 39 0.71 -28.82 -5.41
C ASN A 39 2.04 -29.48 -5.71
N LEU A 40 2.37 -30.57 -5.02
CA LEU A 40 3.65 -31.26 -5.25
C LEU A 40 3.93 -31.66 -6.70
N ASN A 41 2.88 -31.89 -7.48
CA ASN A 41 3.05 -32.29 -8.87
C ASN A 41 3.96 -33.50 -8.97
N THR A 42 3.68 -34.48 -8.12
CA THR A 42 4.40 -35.74 -8.08
C THR A 42 3.89 -36.55 -9.27
N LYS A 43 4.76 -37.32 -9.91
CA LYS A 43 4.37 -38.09 -11.09
C LYS A 43 4.30 -39.62 -10.98
N LYS A 44 4.83 -40.20 -9.91
CA LYS A 44 4.80 -41.66 -9.76
C LYS A 44 4.49 -42.01 -8.32
N LEU A 46 1.34 -40.81 -5.44
CA LEU A 46 0.11 -40.09 -5.17
C LEU A 46 0.25 -38.91 -4.23
N ASN A 47 -0.30 -37.77 -4.64
CA ASN A 47 -0.27 -36.55 -3.86
C ASN A 47 -1.72 -36.10 -3.65
N PRO A 48 -2.42 -36.70 -2.68
CA PRO A 48 -3.82 -36.42 -2.33
C PRO A 48 -4.19 -34.94 -2.23
N GLY A 49 -3.53 -34.23 -1.34
CA GLY A 49 -3.83 -32.82 -1.18
C GLY A 49 -2.98 -32.18 -0.10
N LYS A 50 -3.24 -30.91 0.14
CA LYS A 50 -2.51 -30.14 1.13
C LYS A 50 -3.35 -30.07 2.40
N LEU A 51 -2.72 -29.85 3.55
CA LEU A 51 -3.47 -29.74 4.80
C LEU A 51 -3.73 -28.27 5.05
N SER A 52 -4.65 -27.98 5.96
CA SER A 52 -5.03 -26.61 6.30
C SER A 52 -3.96 -25.85 7.06
N GLU A 53 -3.02 -26.58 7.67
CA GLU A 53 -1.96 -25.97 8.46
C GLU A 53 -0.55 -26.16 7.88
N GLN A 54 0.41 -25.47 8.48
CA GLN A 54 1.82 -25.54 8.08
C GLN A 54 2.71 -25.57 9.31
N LEU A 55 4.02 -25.58 9.07
CA LEU A 55 4.98 -25.62 10.15
C LEU A 55 5.78 -24.33 10.28
N ASP A 56 5.73 -23.74 11.47
CA ASP A 56 6.43 -22.51 11.79
C ASP A 56 7.90 -22.60 11.40
N ARG A 57 8.56 -21.44 11.33
CA ARG A 57 9.97 -21.41 10.99
C ARG A 57 10.70 -21.97 12.21
N GLU A 58 9.96 -22.04 13.32
CA GLU A 58 10.51 -22.56 14.56
C GLU A 58 9.87 -23.89 14.95
N GLY A 59 9.18 -24.50 14.00
CA GLY A 59 8.57 -25.81 14.26
C GLY A 59 7.09 -25.83 14.61
N ARG A 60 6.56 -24.73 15.15
CA ARG A 60 5.14 -24.67 15.51
C ARG A 60 4.24 -24.92 14.31
N LYS A 61 2.98 -25.24 14.56
CA LYS A 61 2.05 -25.55 13.48
C LYS A 61 0.91 -24.53 13.33
N ARG A 62 1.15 -23.45 12.60
CA ARG A 62 0.13 -22.41 12.41
C ARG A 62 -0.69 -22.52 11.13
N ASN A 63 -1.78 -21.74 11.07
CA ASN A 63 -2.70 -21.70 9.93
C ASN A 63 -2.18 -20.89 8.75
N ILE A 64 -2.60 -21.30 7.57
CA ILE A 64 -2.19 -20.63 6.35
C ILE A 64 -3.04 -19.40 6.10
N TYR A 65 -4.36 -19.56 6.23
CA TYR A 65 -5.31 -18.48 6.01
C TYR A 65 -6.05 -18.05 7.26
N ASN A 66 -6.98 -17.11 7.08
CA ASN A 66 -7.83 -16.63 8.16
C ASN A 66 -8.94 -17.65 8.23
N HIS A 67 -9.16 -18.22 9.40
CA HIS A 67 -10.17 -19.25 9.59
C HIS A 67 -11.61 -18.91 9.18
N GLN A 68 -12.23 -17.99 9.89
CA GLN A 68 -13.60 -17.64 9.57
C GLN A 68 -13.76 -17.34 8.10
N ILE A 69 -13.00 -16.34 7.64
CA ILE A 69 -13.03 -15.94 6.25
C ILE A 69 -12.76 -17.12 5.33
N GLY A 70 -11.68 -17.83 5.57
CA GLY A 70 -11.36 -18.97 4.72
C GLY A 70 -12.46 -20.00 4.65
N THR A 71 -13.13 -20.23 5.78
CA THR A 71 -14.22 -21.21 5.85
C THR A 71 -15.39 -20.76 5.00
N ILE A 72 -15.80 -19.52 5.18
CA ILE A 72 -16.92 -18.99 4.41
C ILE A 72 -16.64 -19.10 2.91
N SER A 74 -14.69 -21.17 1.36
CA SER A 74 -14.68 -22.55 0.92
C SER A 74 -16.11 -23.08 0.85
N SER A 75 -17.03 -22.40 1.53
CA SER A 75 -18.45 -22.78 1.52
C SER A 75 -18.89 -22.73 0.07
N ALA A 76 -18.63 -21.59 -0.58
CA ALA A 76 -18.94 -21.46 -1.99
C ALA A 76 -17.80 -22.22 -2.64
N GLY A 77 -17.84 -22.39 -3.95
CA GLY A 77 -16.76 -23.13 -4.58
C GLY A 77 -15.44 -22.39 -4.66
N ILE A 78 -15.13 -21.55 -3.67
CA ILE A 78 -13.88 -20.81 -3.73
C ILE A 78 -12.72 -21.65 -3.24
N ARG A 79 -11.77 -21.86 -4.14
CA ARG A 79 -10.59 -22.67 -3.86
C ARG A 79 -9.41 -21.82 -3.44
N LEU A 80 -9.22 -21.68 -2.13
CA LEU A 80 -8.13 -20.88 -1.59
C LEU A 80 -6.78 -21.15 -2.27
N GLU A 81 -6.54 -22.42 -2.59
CA GLU A 81 -5.29 -22.82 -3.21
C GLU A 81 -5.06 -22.18 -4.57
N LYS A 82 -6.11 -21.67 -5.18
CA LYS A 82 -5.98 -21.07 -6.50
C LYS A 82 -5.77 -19.57 -6.47
N LEU A 83 -5.84 -18.97 -5.29
CA LEU A 83 -5.67 -17.50 -5.16
C LEU A 83 -4.22 -17.04 -5.47
N PRO A 84 -4.03 -16.18 -6.46
CA PRO A 84 -2.71 -15.66 -6.86
C PRO A 84 -1.91 -15.03 -5.72
N ILE A 85 -1.44 -15.84 -4.78
CA ILE A 85 -0.66 -15.31 -3.70
C ILE A 85 0.40 -16.32 -3.24
N VAL A 86 1.65 -15.88 -3.21
CA VAL A 86 2.79 -16.72 -2.80
C VAL A 86 3.67 -15.93 -1.83
N ARG A 87 4.61 -16.59 -1.16
CA ARG A 87 5.51 -15.92 -0.22
C ARG A 87 6.76 -15.48 -0.97
N ALA A 88 7.50 -14.54 -0.40
CA ALA A 88 8.75 -14.05 -1.00
C ALA A 88 9.91 -14.89 -0.49
N GLN A 89 10.87 -15.17 -1.37
CA GLN A 89 12.04 -15.98 -1.01
C GLN A 89 13.03 -15.25 -0.10
N THR A 90 13.02 -15.58 1.18
CA THR A 90 13.91 -14.95 2.15
C THR A 90 15.30 -15.61 2.17
N ASP A 91 15.49 -16.67 1.37
CA ASP A 91 16.80 -17.33 1.36
C ASP A 91 17.88 -16.37 0.86
N THR A 92 19.09 -16.52 1.39
CA THR A 92 20.21 -15.67 1.04
C THR A 92 20.68 -15.77 -0.41
N LYS A 93 20.67 -16.97 -0.95
CA LYS A 93 21.09 -17.19 -2.33
C LYS A 93 20.47 -16.14 -3.22
N THR A 94 19.14 -16.13 -3.24
CA THR A 94 18.41 -15.19 -4.06
C THR A 94 18.36 -13.78 -3.47
N PHE A 95 18.40 -13.67 -2.15
CA PHE A 95 18.41 -12.36 -1.51
C PHE A 95 19.59 -11.55 -2.09
N HIS A 96 20.72 -12.21 -2.31
CA HIS A 96 21.90 -11.56 -2.88
C HIS A 96 21.69 -11.29 -4.35
N GLU A 97 21.08 -12.24 -5.05
CA GLU A 97 20.83 -12.04 -6.46
C GLU A 97 20.00 -10.75 -6.56
N ALA A 98 19.19 -10.50 -5.55
CA ALA A 98 18.35 -9.30 -5.49
C ALA A 98 19.22 -8.05 -5.48
N ILE A 99 20.07 -7.94 -4.48
CA ILE A 99 20.99 -6.81 -4.36
C ILE A 99 21.75 -6.61 -5.67
N ARG A 100 22.36 -7.68 -6.18
CA ARG A 100 23.12 -7.62 -7.42
C ARG A 100 22.29 -7.18 -8.63
N ASP A 101 21.03 -7.58 -8.68
CA ASP A 101 20.18 -7.24 -9.80
C ASP A 101 19.52 -5.87 -9.75
N LYS A 102 19.53 -5.22 -8.60
CA LYS A 102 18.91 -3.92 -8.51
C LYS A 102 19.76 -2.82 -7.90
N ILE A 103 20.23 -3.06 -6.68
CA ILE A 103 21.04 -2.07 -5.97
C ILE A 103 22.46 -1.88 -6.50
N ASP A 104 23.03 -2.93 -7.07
CA ASP A 104 24.38 -2.84 -7.60
C ASP A 104 24.38 -2.06 -8.91
N LYS A 105 24.56 -0.75 -8.82
CA LYS A 105 24.59 0.09 -10.01
C LYS A 105 25.26 1.44 -9.77
N SER A 106 25.78 2.00 -10.84
CA SER A 106 26.43 3.31 -10.76
C SER A 106 25.27 4.30 -10.71
N GLU A 107 25.53 5.57 -10.40
CA GLU A 107 24.45 6.54 -10.34
C GLU A 107 24.09 7.03 -11.74
N ASN A 108 22.79 7.20 -12.00
CA ASN A 108 22.36 7.65 -13.32
C ASN A 108 22.91 9.02 -13.71
N ARG A 109 23.48 9.10 -14.91
CA ARG A 109 23.98 10.36 -15.40
C ARG A 109 22.71 11.19 -15.57
N GLN A 110 22.77 12.48 -15.20
CA GLN A 110 21.62 13.37 -15.31
C GLN A 110 22.05 14.69 -15.96
N ASN A 111 21.20 15.26 -16.81
CA ASN A 111 21.53 16.52 -17.44
C ASN A 111 21.84 17.55 -16.34
N PRO A 112 22.80 18.44 -16.61
CA PRO A 112 23.36 19.53 -15.81
C PRO A 112 22.43 20.39 -14.96
N GLU A 113 21.57 21.14 -15.64
CA GLU A 113 20.66 22.06 -14.96
C GLU A 113 19.44 21.39 -14.33
N LEU A 114 19.35 20.08 -14.44
CA LEU A 114 18.22 19.35 -13.90
C LEU A 114 17.88 19.75 -12.47
N HIS A 115 18.87 19.77 -11.61
CA HIS A 115 18.60 20.12 -10.22
C HIS A 115 18.32 21.59 -9.98
N ASN A 116 18.86 22.45 -10.85
CA ASN A 116 18.57 23.87 -10.69
C ASN A 116 17.13 24.06 -11.11
N LYS A 117 16.81 23.57 -12.30
CA LYS A 117 15.46 23.69 -12.84
C LYS A 117 14.44 22.94 -11.99
N LEU A 118 14.89 21.95 -11.24
CA LEU A 118 13.97 21.23 -10.39
C LEU A 118 13.66 22.08 -9.17
N LEU A 119 14.70 22.71 -8.64
CA LEU A 119 14.57 23.58 -7.48
C LEU A 119 13.68 24.75 -7.87
N GLU A 120 13.85 25.21 -9.09
CA GLU A 120 13.08 26.32 -9.63
C GLU A 120 11.60 25.98 -9.57
N ILE A 121 11.27 24.78 -10.00
CA ILE A 121 9.88 24.32 -9.98
C ILE A 121 9.36 24.29 -8.53
N PHE A 122 10.21 23.84 -7.60
CA PHE A 122 9.80 23.78 -6.20
C PHE A 122 9.38 25.14 -5.68
N HIS A 123 10.19 26.15 -5.98
CA HIS A 123 9.86 27.49 -5.52
C HIS A 123 8.51 27.95 -6.04
N THR A 124 8.10 27.45 -7.21
CA THR A 124 6.82 27.84 -7.76
C THR A 124 5.68 27.18 -6.99
N ILE A 125 6.01 26.26 -6.09
CA ILE A 125 4.96 25.58 -5.33
C ILE A 125 5.12 25.73 -3.82
N ALA A 126 6.21 26.33 -3.38
CA ALA A 126 6.47 26.50 -1.96
C ALA A 126 5.49 27.45 -1.23
N GLN A 127 5.21 27.15 0.04
CA GLN A 127 4.33 28.01 0.83
C GLN A 127 5.19 28.81 1.80
N PRO A 128 5.35 30.12 1.55
CA PRO A 128 6.16 31.02 2.39
C PRO A 128 5.69 31.03 3.84
N THR A 129 4.39 30.83 4.01
CA THR A 129 3.74 30.80 5.31
C THR A 129 4.45 29.84 6.25
N LEU A 130 5.00 28.77 5.69
CA LEU A 130 5.69 27.75 6.47
C LEU A 130 7.20 27.80 6.35
N LYS A 131 7.71 28.66 5.48
CA LYS A 131 9.15 28.77 5.29
C LYS A 131 9.88 29.01 6.61
N HIS A 132 10.87 28.16 6.89
CA HIS A 132 11.65 28.25 8.11
C HIS A 132 10.86 28.19 9.40
N THR A 133 9.73 27.49 9.42
CA THR A 133 8.94 27.43 10.65
C THR A 133 8.97 26.07 11.34
N TYR A 134 9.46 25.04 10.63
CA TYR A 134 9.52 23.69 11.17
C TYR A 134 10.58 23.46 12.25
N GLY A 135 10.21 22.70 13.28
CA GLY A 135 11.13 22.41 14.36
C GLY A 135 10.93 21.00 14.91
N GLU A 136 11.68 20.67 15.96
CA GLU A 136 11.62 19.36 16.61
C GLU A 136 10.23 19.11 17.19
N VAL A 137 9.95 17.88 17.64
CA VAL A 137 8.64 17.57 18.20
C VAL A 137 8.72 16.76 19.48
N THR A 138 7.62 16.77 20.22
CA THR A 138 7.54 16.05 21.49
C THR A 138 7.61 14.55 21.34
N TRP A 139 8.25 13.90 22.31
CA TRP A 139 8.31 12.46 22.31
C TRP A 139 6.86 12.09 22.33
N GLU A 140 6.05 13.02 22.78
CA GLU A 140 4.63 12.75 22.88
C GLU A 140 3.82 12.65 21.59
N GLN A 141 4.39 13.07 20.45
CA GLN A 141 3.68 12.90 19.18
C GLN A 141 4.46 11.94 18.29
N LEU A 142 5.77 11.85 18.53
CA LEU A 142 6.64 10.94 17.79
C LEU A 142 6.11 9.57 18.17
N GLU A 143 5.84 9.41 19.46
CA GLU A 143 5.33 8.17 20.04
C GLU A 143 3.95 7.76 19.57
N ALA A 144 3.23 8.68 18.96
CA ALA A 144 1.87 8.39 18.50
C ALA A 144 1.76 7.48 17.27
N GLY A 145 1.26 6.26 17.47
CA GLY A 145 1.09 5.33 16.37
C GLY A 145 2.27 4.50 15.93
N VAL A 146 3.44 4.78 16.51
CA VAL A 146 4.70 4.10 16.20
C VAL A 146 4.71 2.59 16.18
N ASN A 147 5.42 2.00 15.22
CA ASN A 147 5.51 0.55 15.24
C ASN A 147 6.69 0.22 16.13
N ARG A 148 6.41 -0.19 17.37
CA ARG A 148 7.46 -0.53 18.31
C ARG A 148 8.38 -1.63 17.86
N LYS A 149 7.80 -2.74 17.42
CA LYS A 149 8.57 -3.88 16.92
C LYS A 149 9.43 -3.48 15.71
N GLY A 150 9.60 -2.16 15.56
CA GLY A 150 10.41 -1.62 14.49
C GLY A 150 11.80 -2.18 14.60
N ALA A 151 12.33 -2.63 13.47
CA ALA A 151 13.65 -3.24 13.34
C ALA A 151 14.72 -2.72 14.29
N ALA A 152 15.82 -3.45 14.38
CA ALA A 152 16.89 -3.08 15.27
C ALA A 152 18.15 -2.55 14.61
N GLY A 153 18.63 -3.19 13.55
CA GLY A 153 19.85 -2.74 12.92
C GLY A 153 20.93 -3.76 13.23
N PHE A 154 21.73 -4.12 12.23
CA PHE A 154 22.73 -5.14 12.45
C PHE A 154 23.61 -4.96 13.68
N LEU A 155 24.04 -3.74 13.98
CA LEU A 155 24.90 -3.49 15.13
C LEU A 155 24.19 -2.87 16.30
N GLU A 156 22.87 -3.03 16.35
CA GLU A 156 22.14 -2.46 17.46
C GLU A 156 21.42 -3.59 18.17
N LYS A 157 21.38 -3.49 19.49
CA LYS A 157 20.75 -4.48 20.34
C LYS A 157 19.24 -4.30 20.48
N LYS A 158 18.81 -3.08 20.76
CA LYS A 158 17.40 -2.80 20.95
C LYS A 158 16.63 -2.31 19.73
N ASN A 159 15.32 -2.52 19.77
CA ASN A 159 14.43 -2.12 18.71
C ASN A 159 13.68 -0.89 19.19
N ILE A 160 12.87 -0.30 18.32
CA ILE A 160 12.09 0.86 18.70
C ILE A 160 11.19 0.39 19.84
N GLY A 161 10.84 1.28 20.74
CA GLY A 161 10.02 0.85 21.86
C GLY A 161 10.96 0.52 23.00
N GLU A 162 11.86 -0.44 22.78
CA GLU A 162 12.84 -0.80 23.80
C GLU A 162 13.75 0.43 23.92
N VAL A 163 14.08 1.03 22.78
CA VAL A 163 14.90 2.22 22.75
C VAL A 163 14.08 3.32 23.42
N LEU A 164 12.80 3.36 23.08
CA LEU A 164 11.87 4.33 23.64
C LEU A 164 11.75 4.19 25.16
N ASP A 165 11.74 2.94 25.63
CA ASP A 165 11.63 2.65 27.05
C ASP A 165 12.86 3.12 27.81
N SER A 166 14.02 2.63 27.41
CA SER A 166 15.27 2.94 28.07
C SER A 166 16.17 4.01 27.47
N GLU A 167 16.81 3.66 26.35
CA GLU A 167 17.75 4.53 25.67
C GLU A 167 17.19 5.80 25.05
N LYS A 168 16.06 6.26 25.56
CA LYS A 168 15.41 7.47 25.06
C LYS A 168 16.34 8.68 25.18
N HIS A 169 17.29 8.59 26.12
CA HIS A 169 18.25 9.64 26.38
C HIS A 169 19.34 9.62 25.32
N LEU A 170 19.77 8.42 24.95
CA LEU A 170 20.81 8.27 23.92
C LEU A 170 20.35 8.94 22.64
N VAL A 171 19.06 8.82 22.36
CA VAL A 171 18.46 9.39 21.17
C VAL A 171 18.54 10.92 21.19
N GLU A 172 18.43 11.50 22.38
CA GLU A 172 18.49 12.96 22.55
C GLU A 172 19.86 13.54 22.25
N GLN A 173 20.91 12.78 22.56
CA GLN A 173 22.24 13.28 22.26
C GLN A 173 22.50 13.10 20.77
N LEU A 174 21.95 12.04 20.14
CA LEU A 174 22.15 11.84 18.70
C LEU A 174 21.71 13.12 18.01
N VAL A 175 20.51 13.57 18.40
CA VAL A 175 19.89 14.79 17.91
C VAL A 175 20.85 15.97 18.15
N ARG A 176 21.50 15.97 19.31
CA ARG A 176 22.43 17.05 19.62
C ARG A 176 23.67 16.98 18.75
N ASP A 177 24.25 15.79 18.66
CA ASP A 177 25.45 15.56 17.86
C ASP A 177 25.17 15.88 16.40
N LEU A 178 23.94 15.61 15.96
CA LEU A 178 23.54 15.88 14.60
C LEU A 178 23.27 17.37 14.40
N LYS A 179 22.59 18.00 15.36
CA LYS A 179 22.31 19.42 15.23
C LYS A 179 23.63 20.18 15.15
N ALA A 180 24.59 19.74 15.96
CA ALA A 180 25.91 20.35 15.99
C ALA A 180 26.75 19.87 14.82
N GLY A 181 26.13 19.06 13.96
CA GLY A 181 26.84 18.54 12.80
C GLY A 181 28.12 17.88 13.22
N ARG A 182 28.02 16.81 13.99
CA ARG A 182 29.17 16.08 14.50
C ARG A 182 29.39 14.73 13.82
N LYS A 183 30.23 13.92 14.45
CA LYS A 183 30.55 12.59 13.95
C LYS A 183 29.40 11.64 14.26
N ILE A 184 29.05 10.83 13.28
CA ILE A 184 27.97 9.87 13.43
C ILE A 184 28.25 8.69 12.50
N LYS A 185 28.54 7.52 13.08
CA LYS A 185 28.81 6.34 12.25
C LYS A 185 27.50 5.85 11.65
N TYR A 186 27.12 6.42 10.52
CA TYR A 186 25.88 6.06 9.86
C TYR A 186 26.04 4.83 8.98
N TYR A 187 25.02 3.99 8.97
CA TYR A 187 25.02 2.78 8.16
C TYR A 187 23.62 2.19 8.13
N GLU A 188 23.36 1.35 7.15
CA GLU A 188 22.06 0.72 7.04
C GLU A 188 22.16 -0.80 6.98
N THR A 189 21.16 -1.45 7.57
CA THR A 189 21.06 -2.90 7.59
C THR A 189 20.20 -3.28 6.40
N ALA A 190 20.60 -4.30 5.66
CA ALA A 190 19.83 -4.72 4.51
C ALA A 190 19.32 -6.15 4.63
N ILE A 191 18.01 -6.30 4.76
CA ILE A 191 17.40 -7.62 4.90
C ILE A 191 16.31 -7.85 3.85
N PRO A 192 16.10 -9.12 3.44
CA PRO A 192 15.04 -9.37 2.44
C PRO A 192 13.70 -9.30 3.17
N LYS A 193 12.75 -8.59 2.59
CA LYS A 193 11.44 -8.42 3.21
C LYS A 193 10.58 -9.67 3.13
N ASN A 194 10.15 -10.14 4.29
CA ASN A 194 9.30 -11.32 4.36
C ASN A 194 7.85 -10.90 4.22
N GLU A 195 7.19 -11.36 3.17
CA GLU A 195 5.80 -11.00 2.94
C GLU A 195 5.19 -11.85 1.83
N LYS A 196 3.86 -11.87 1.77
CA LYS A 196 3.16 -12.62 0.73
C LYS A 196 2.96 -11.66 -0.45
N ARG A 197 3.17 -12.16 -1.66
CA ARG A 197 3.03 -11.31 -2.82
C ARG A 197 2.04 -11.78 -3.87
N ASP A 198 1.38 -10.80 -4.48
CA ASP A 198 0.42 -11.06 -5.53
C ASP A 198 1.16 -11.54 -6.76
N VAL A 199 0.67 -12.62 -7.35
CA VAL A 199 1.27 -13.18 -8.54
C VAL A 199 0.17 -13.36 -9.57
N SER A 200 -0.85 -12.50 -9.45
CA SER A 200 -2.01 -12.54 -10.34
C SER A 200 -1.59 -12.54 -11.79
N ASP A 201 -0.84 -11.50 -12.18
CA ASP A 201 -0.37 -11.36 -13.56
C ASP A 201 0.36 -12.62 -14.02
N ASP A 202 1.33 -13.05 -13.24
CA ASP A 202 2.12 -14.25 -13.55
C ASP A 202 1.23 -15.44 -13.87
N TRP A 203 0.40 -15.83 -12.90
CA TRP A 203 -0.50 -16.96 -13.07
C TRP A 203 -1.48 -16.79 -14.22
N GLN A 204 -1.93 -15.56 -14.45
CA GLN A 204 -2.85 -15.30 -15.55
C GLN A 204 -2.17 -15.70 -16.86
N ALA A 205 -0.86 -15.67 -16.87
CA ALA A 205 -0.12 -16.10 -18.04
C ALA A 205 0.40 -17.42 -17.54
N GLY A 206 1.08 -18.16 -18.42
CA GLY A 206 1.61 -19.45 -18.03
C GLY A 206 2.39 -19.51 -16.72
N ASP A 207 3.38 -18.62 -16.56
CA ASP A 207 4.21 -18.65 -15.36
C ASP A 207 3.48 -18.86 -14.04
N LEU A 208 3.45 -20.11 -13.60
CA LEU A 208 2.80 -20.52 -12.37
C LEU A 208 3.84 -20.47 -11.26
N VAL A 209 4.45 -19.31 -11.06
CA VAL A 209 5.47 -19.19 -10.03
C VAL A 209 4.99 -19.69 -8.66
N VAL A 210 5.90 -20.30 -7.92
CA VAL A 210 5.63 -20.82 -6.58
C VAL A 210 6.02 -19.83 -5.50
N GLU A 211 6.84 -18.84 -5.85
CA GLU A 211 7.26 -17.82 -4.91
C GLU A 211 7.89 -16.68 -5.69
N LYS A 212 8.05 -15.53 -5.06
CA LYS A 212 8.63 -14.37 -5.74
C LYS A 212 9.87 -13.80 -5.06
N ARG A 213 10.74 -13.21 -5.89
CA ARG A 213 11.99 -12.58 -5.46
C ARG A 213 11.70 -11.63 -4.30
N PRO A 214 12.64 -11.53 -3.36
CA PRO A 214 12.42 -10.63 -2.22
C PRO A 214 12.89 -9.20 -2.44
N ARG A 215 12.21 -8.26 -1.79
CA ARG A 215 12.56 -6.86 -1.89
C ARG A 215 13.59 -6.62 -0.80
N VAL A 216 14.61 -5.83 -1.09
CA VAL A 216 15.64 -5.56 -0.10
C VAL A 216 15.30 -4.31 0.71
N ILE A 217 15.09 -4.49 2.00
CA ILE A 217 14.80 -3.36 2.86
C ILE A 217 16.12 -2.82 3.42
N GLN A 218 16.43 -1.57 3.14
CA GLN A 218 17.66 -1.00 3.66
C GLN A 218 17.23 0.04 4.67
N TYR A 219 17.76 -0.07 5.88
CA TYR A 219 17.36 0.86 6.93
C TYR A 219 18.33 1.27 8.03
N PRO A 220 18.14 2.50 8.57
CA PRO A 220 18.92 3.12 9.64
C PRO A 220 18.73 2.26 10.89
N GLU A 221 19.31 2.72 12.00
CA GLU A 221 19.30 1.96 13.22
C GLU A 221 18.40 2.15 14.43
N ALA A 222 17.12 2.39 14.21
CA ALA A 222 16.17 2.52 15.32
C ALA A 222 16.69 3.35 16.48
N LYS A 223 17.38 4.42 16.20
CA LYS A 223 17.91 5.25 17.26
C LYS A 223 18.09 6.42 16.37
N THR A 224 18.76 6.14 15.24
CA THR A 224 19.08 7.12 14.22
C THR A 224 17.74 7.43 13.55
N ARG A 225 16.83 6.43 13.56
CA ARG A 225 15.50 6.60 12.98
C ARG A 225 14.68 7.53 13.88
N LEU A 226 14.58 7.19 15.16
CA LEU A 226 13.83 8.02 16.08
C LEU A 226 14.44 9.41 16.18
N ALA A 227 15.76 9.50 16.01
CA ALA A 227 16.46 10.77 16.07
C ALA A 227 16.03 11.69 14.92
N ILE A 228 16.10 11.15 13.69
CA ILE A 228 15.73 11.89 12.50
C ILE A 228 14.23 12.22 12.49
N THR A 229 13.42 11.20 12.70
CA THR A 229 11.98 11.35 12.71
C THR A 229 11.54 12.37 13.75
N LYS A 230 12.14 12.32 14.93
CA LYS A 230 11.78 13.25 15.99
C LYS A 230 11.92 14.73 15.68
N VAL A 231 12.97 15.11 14.97
CA VAL A 231 13.14 16.52 14.65
C VAL A 231 12.47 16.87 13.32
N TYR A 233 9.73 15.47 12.03
CA TYR A 233 8.42 14.85 12.04
C TYR A 233 7.49 15.47 11.01
N ASN A 234 7.49 16.79 10.94
CA ASN A 234 6.60 17.49 10.03
C ASN A 234 6.80 17.28 8.54
N TRP A 235 8.05 17.19 8.11
CA TRP A 235 8.33 16.97 6.70
C TRP A 235 8.09 15.50 6.37
N VAL A 236 8.74 14.64 7.13
CA VAL A 236 8.66 13.19 6.99
C VAL A 236 7.22 12.70 7.09
N LYS A 237 6.53 13.10 8.16
CA LYS A 237 5.15 12.71 8.34
C LYS A 237 4.25 13.62 7.53
N GLN A 238 4.85 14.49 6.70
CA GLN A 238 4.09 15.40 5.86
C GLN A 238 2.81 15.85 6.54
N GLN A 239 2.89 16.29 7.80
CA GLN A 239 1.69 16.75 8.48
C GLN A 239 1.24 17.92 7.58
N PRO A 240 1.71 19.17 7.81
CA PRO A 240 1.17 20.10 6.81
C PRO A 240 1.64 19.55 5.46
N VAL A 241 0.71 19.04 4.67
CA VAL A 241 1.05 18.47 3.38
C VAL A 241 1.52 19.61 2.48
N VAL A 242 2.80 19.60 2.16
CA VAL A 242 3.38 20.64 1.33
C VAL A 242 3.82 20.09 -0.02
N ILE A 243 3.53 18.82 -0.29
CA ILE A 243 3.92 18.23 -1.56
C ILE A 243 2.74 18.15 -2.52
N PRO A 244 2.82 18.87 -3.64
CA PRO A 244 1.78 18.91 -4.66
C PRO A 244 1.20 17.54 -4.92
N GLY A 245 -0.11 17.40 -4.78
CA GLY A 245 -0.72 16.11 -5.05
C GLY A 245 -0.26 14.90 -4.26
N TYR A 246 0.29 15.11 -3.06
CA TYR A 246 0.74 14.01 -2.23
C TYR A 246 -0.45 13.26 -1.63
N GLU A 247 -0.83 12.15 -2.24
CA GLU A 247 -1.96 11.37 -1.77
C GLU A 247 -1.64 10.43 -0.59
N GLY A 248 -0.45 10.60 -0.01
CA GLY A 248 -0.01 9.76 1.11
C GLY A 248 -0.87 9.61 2.36
N LYS A 249 -1.49 10.67 2.84
CA LYS A 249 -2.33 10.54 4.04
C LYS A 249 -3.80 10.44 3.67
N THR A 250 -4.06 10.20 2.39
CA THR A 250 -5.43 10.11 1.87
C THR A 250 -6.03 8.71 1.86
N PRO A 251 -7.11 8.50 2.62
CA PRO A 251 -7.73 7.17 2.63
C PRO A 251 -7.96 6.82 1.17
N LEU A 252 -7.94 5.54 0.84
CA LEU A 252 -8.13 5.11 -0.53
C LEU A 252 -9.56 5.10 -1.02
N PHE A 253 -10.50 4.94 -0.10
CA PHE A 253 -11.90 4.87 -0.47
C PHE A 253 -12.64 6.13 -0.87
N ASN A 254 -11.93 7.21 -1.17
CA ASN A 254 -12.60 8.45 -1.56
C ASN A 254 -11.70 9.33 -2.40
N ILE A 255 -10.59 8.77 -2.85
CA ILE A 255 -9.64 9.49 -3.67
C ILE A 255 -10.13 9.70 -5.11
N PHE A 256 -10.67 8.64 -5.72
CA PHE A 256 -11.15 8.75 -7.07
C PHE A 256 -12.32 9.71 -7.24
N ASP A 257 -13.04 9.97 -6.14
CA ASP A 257 -14.17 10.90 -6.19
C ASP A 257 -13.62 12.30 -6.42
N LYS A 258 -12.58 12.66 -5.69
CA LYS A 258 -12.00 13.97 -5.86
C LYS A 258 -11.20 14.02 -7.16
N VAL A 259 -10.74 12.87 -7.64
CA VAL A 259 -10.00 12.83 -8.89
C VAL A 259 -10.96 12.92 -10.07
N ARG A 260 -12.17 12.39 -9.87
CA ARG A 260 -13.20 12.45 -10.91
C ARG A 260 -13.50 13.93 -11.12
N LYS A 261 -13.49 14.70 -10.03
CA LYS A 261 -13.74 16.12 -10.14
C LYS A 261 -12.81 16.71 -11.22
N GLU A 262 -11.51 16.62 -11.00
CA GLU A 262 -10.50 17.15 -11.93
C GLU A 262 -10.71 16.64 -13.34
N TRP A 263 -10.97 15.35 -13.46
CA TRP A 263 -11.19 14.74 -14.76
C TRP A 263 -12.30 15.48 -15.49
N ASP A 264 -13.42 15.68 -14.81
CA ASP A 264 -14.57 16.36 -15.40
C ASP A 264 -14.29 17.83 -15.75
N SER A 265 -13.20 18.38 -15.21
CA SER A 265 -12.88 19.77 -15.47
C SER A 265 -12.00 19.97 -16.70
N PHE A 266 -12.01 19.00 -17.63
CA PHE A 266 -11.23 19.14 -18.85
C PHE A 266 -12.15 18.84 -20.03
N ASN A 267 -11.76 19.30 -21.22
CA ASN A 267 -12.59 19.06 -22.39
C ASN A 267 -12.36 17.68 -22.98
N GLU A 268 -11.10 17.29 -23.18
CA GLU A 268 -10.82 15.96 -23.68
C GLU A 268 -9.71 15.34 -22.83
N PRO A 269 -10.04 15.07 -21.55
CA PRO A 269 -9.21 14.47 -20.52
C PRO A 269 -8.46 13.23 -20.95
N VAL A 270 -7.22 13.15 -20.47
CA VAL A 270 -6.35 12.02 -20.70
C VAL A 270 -5.52 11.90 -19.43
N ALA A 271 -5.23 10.67 -19.01
CA ALA A 271 -4.41 10.48 -17.81
C ALA A 271 -3.08 9.79 -18.18
N VAL A 272 -1.98 10.29 -17.63
CA VAL A 272 -0.69 9.70 -17.91
C VAL A 272 -0.07 9.26 -16.58
N SER A 273 0.31 7.98 -16.52
CA SER A 273 0.86 7.36 -15.33
C SER A 273 2.37 7.41 -15.30
N PHE A 274 2.92 7.46 -14.08
CA PHE A 274 4.36 7.50 -13.85
C PHE A 274 4.87 6.08 -13.62
N ASP A 275 5.86 5.64 -14.40
CA ASP A 275 6.39 4.29 -14.28
C ASP A 275 7.90 4.18 -14.20
N THR A 276 8.48 4.77 -13.17
CA THR A 276 9.92 4.70 -13.03
C THR A 276 10.29 3.28 -12.64
N LYS A 277 11.27 2.73 -13.35
CA LYS A 277 11.75 1.39 -13.05
C LYS A 277 12.62 1.45 -11.80
N ALA A 278 12.18 0.78 -10.75
CA ALA A 278 12.92 0.74 -9.50
C ALA A 278 13.31 2.10 -8.96
N TRP A 279 12.32 2.95 -8.73
CA TRP A 279 12.59 4.28 -8.22
C TRP A 279 13.77 4.42 -7.25
N ASP A 280 13.67 3.81 -6.06
CA ASP A 280 14.71 3.88 -5.04
C ASP A 280 16.09 3.68 -5.62
N THR A 281 16.18 2.74 -6.55
CA THR A 281 17.43 2.41 -7.22
C THR A 281 17.94 3.51 -8.12
N GLN A 282 17.08 4.50 -8.38
CA GLN A 282 17.45 5.61 -9.25
C GLN A 282 17.74 6.97 -8.61
N VAL A 283 17.47 7.11 -7.32
CA VAL A 283 17.75 8.39 -6.69
C VAL A 283 19.27 8.63 -6.69
N THR A 284 19.66 9.79 -7.20
CA THR A 284 21.06 10.20 -7.26
C THR A 284 21.45 10.92 -5.96
N SER A 285 22.71 11.31 -5.86
CA SER A 285 23.18 12.02 -4.69
C SER A 285 22.62 13.44 -4.77
N LYS A 286 22.67 14.01 -5.97
CA LYS A 286 22.15 15.35 -6.19
C LYS A 286 20.65 15.39 -5.95
N ASP A 287 19.97 14.26 -6.16
CA ASP A 287 18.53 14.19 -5.93
C ASP A 287 18.33 14.32 -4.42
N LEU A 288 19.17 13.62 -3.67
CA LEU A 288 19.10 13.66 -2.22
C LEU A 288 19.46 15.05 -1.72
N GLN A 289 20.42 15.69 -2.39
CA GLN A 289 20.84 17.04 -2.01
C GLN A 289 19.73 18.06 -2.26
N LEU A 290 19.03 17.89 -3.38
CA LEU A 290 17.93 18.77 -3.75
C LEU A 290 16.83 18.69 -2.72
N ILE A 291 16.59 17.52 -2.15
CA ILE A 291 15.56 17.42 -1.13
C ILE A 291 16.09 18.06 0.14
N GLY A 292 17.41 17.94 0.35
CA GLY A 292 18.00 18.54 1.53
C GLY A 292 17.71 20.02 1.53
N GLU A 293 17.87 20.64 0.37
CA GLU A 293 17.60 22.07 0.21
C GLU A 293 16.15 22.34 0.55
N ILE A 294 15.24 21.71 -0.19
CA ILE A 294 13.81 21.87 0.04
C ILE A 294 13.50 21.68 1.53
N GLN A 295 14.23 20.78 2.17
CA GLN A 295 14.01 20.55 3.59
C GLN A 295 14.41 21.77 4.41
N LYS A 296 15.58 22.33 4.09
CA LYS A 296 16.06 23.50 4.80
C LYS A 296 15.16 24.73 4.61
N TYR A 297 14.30 24.69 3.59
CA TYR A 297 13.39 25.79 3.32
C TYR A 297 12.28 25.83 4.35
N TYR A 298 11.85 24.65 4.81
CA TYR A 298 10.76 24.58 5.78
C TYR A 298 11.22 24.49 7.22
N TYR A 299 12.49 24.19 7.43
CA TYR A 299 13.01 24.08 8.79
C TYR A 299 13.74 25.34 9.23
N LYS A 300 13.60 25.68 10.50
CA LYS A 300 14.23 26.86 11.08
C LYS A 300 15.73 26.71 10.91
N LYS A 301 16.42 27.83 10.69
CA LYS A 301 17.86 27.82 10.47
C LYS A 301 18.66 26.94 11.43
N GLU A 302 18.21 26.87 12.68
CA GLU A 302 18.89 26.06 13.69
C GLU A 302 19.06 24.61 13.30
N TRP A 303 18.11 24.10 12.52
CA TRP A 303 18.12 22.70 12.09
C TRP A 303 18.79 22.42 10.75
N HIS A 304 19.13 23.46 10.03
CA HIS A 304 19.76 23.31 8.72
C HIS A 304 21.06 22.50 8.72
N LYS A 305 21.76 22.48 9.85
CA LYS A 305 23.00 21.71 9.89
C LYS A 305 22.69 20.24 10.16
N PHE A 306 21.59 20.01 10.89
CA PHE A 306 21.14 18.66 11.20
C PHE A 306 20.87 18.03 9.84
N ILE A 307 20.16 18.77 8.99
CA ILE A 307 19.79 18.33 7.64
C ILE A 307 21.01 18.09 6.73
N ASP A 308 21.94 19.03 6.73
CA ASP A 308 23.14 18.90 5.91
C ASP A 308 23.94 17.66 6.32
N THR A 309 24.12 17.50 7.62
CA THR A 309 24.86 16.38 8.19
C THR A 309 24.25 15.07 7.79
N ILE A 310 22.95 14.94 8.05
CA ILE A 310 22.24 13.71 7.72
C ILE A 310 22.25 13.47 6.22
N THR A 311 21.97 14.50 5.43
CA THR A 311 21.94 14.36 3.98
C THR A 311 23.30 13.97 3.43
N ASP A 312 24.34 14.53 4.00
CA ASP A 312 25.70 14.23 3.56
C ASP A 312 25.99 12.75 3.68
N HIS A 313 25.51 12.13 4.76
CA HIS A 313 25.73 10.71 4.99
C HIS A 313 25.02 9.80 4.02
N THR A 315 24.47 10.21 1.02
CA THR A 315 25.01 10.29 -0.32
C THR A 315 25.85 9.06 -0.61
N GLU A 316 26.32 8.41 0.45
CA GLU A 316 27.11 7.19 0.36
C GLU A 316 26.95 6.42 1.66
N VAL A 317 26.16 5.35 1.62
CA VAL A 317 25.89 4.57 2.81
C VAL A 317 26.55 3.19 2.87
N PRO A 318 27.15 2.87 4.04
CA PRO A 318 27.78 1.56 4.19
C PRO A 318 26.60 0.68 4.54
N VAL A 319 26.45 -0.45 3.85
CA VAL A 319 25.34 -1.34 4.12
C VAL A 319 25.78 -2.72 4.56
N ILE A 320 25.21 -3.17 5.67
CA ILE A 320 25.51 -4.49 6.22
C ILE A 320 24.30 -5.39 5.93
N THR A 321 24.50 -6.40 5.08
CA THR A 321 23.42 -7.32 4.75
C THR A 321 23.23 -8.22 5.97
N ALA A 322 22.08 -8.86 6.06
CA ALA A 322 21.78 -9.71 7.20
C ALA A 322 22.77 -10.84 7.41
N ASP A 323 23.39 -11.32 6.34
CA ASP A 323 24.34 -12.43 6.46
C ASP A 323 25.79 -12.01 6.69
N GLY A 324 26.03 -10.70 6.80
CA GLY A 324 27.38 -10.25 7.04
C GLY A 324 28.07 -9.42 5.99
N GLU A 325 27.83 -9.69 4.70
CA GLU A 325 28.47 -8.92 3.63
C GLU A 325 28.31 -7.41 3.84
N VAL A 326 29.25 -6.63 3.32
CA VAL A 326 29.20 -5.17 3.45
C VAL A 326 29.47 -4.48 2.13
N TYR A 327 28.52 -3.65 1.69
CA TYR A 327 28.70 -2.90 0.46
C TYR A 327 28.54 -1.42 0.71
N ILE A 328 29.26 -0.62 -0.08
CA ILE A 328 29.18 0.82 0.06
C ILE A 328 28.32 1.39 -1.06
N ARG A 329 27.04 1.56 -0.75
CA ARG A 329 26.05 2.07 -1.68
C ARG A 329 26.27 3.53 -1.97
N ASN A 330 26.17 3.89 -3.25
CA ASN A 330 26.33 5.27 -3.66
C ASN A 330 24.97 5.94 -3.64
N GLY A 331 24.42 5.99 -2.43
CA GLY A 331 23.14 6.61 -2.17
C GLY A 331 22.06 6.60 -3.22
N GLN A 332 21.16 5.65 -3.09
CA GLN A 332 20.00 5.54 -3.95
C GLN A 332 19.05 5.79 -2.78
N ARG A 333 17.82 5.29 -2.77
CA ARG A 333 17.02 5.50 -1.55
C ARG A 333 16.98 4.18 -0.77
N GLY A 334 16.97 4.28 0.56
CA GLY A 334 16.89 3.10 1.38
C GLY A 334 15.49 3.06 1.94
N SER A 335 14.67 2.14 1.46
CA SER A 335 13.28 2.03 1.89
C SER A 335 13.01 2.29 3.36
N GLY A 336 13.97 1.94 4.21
CA GLY A 336 13.77 2.13 5.64
C GLY A 336 14.10 3.50 6.19
N GLN A 337 14.54 4.42 5.33
CA GLN A 337 14.88 5.76 5.78
C GLN A 337 13.59 6.48 6.11
N PRO A 338 13.60 7.32 7.16
CA PRO A 338 12.39 8.06 7.54
C PRO A 338 11.84 8.97 6.43
N ASP A 339 12.75 9.50 5.61
CA ASP A 339 12.37 10.42 4.55
C ASP A 339 12.03 9.76 3.21
N THR A 340 11.56 8.52 3.25
CA THR A 340 11.23 7.85 2.00
C THR A 340 9.95 8.35 1.32
N SER A 341 8.83 8.37 2.05
CA SER A 341 7.57 8.83 1.48
C SER A 341 7.64 10.28 1.05
N ALA A 342 8.01 11.15 1.97
CA ALA A 342 8.13 12.57 1.65
C ALA A 342 9.16 12.74 0.54
N GLY A 343 10.40 12.39 0.85
CA GLY A 343 11.47 12.52 -0.11
C GLY A 343 11.13 12.03 -1.50
N ASN A 344 10.71 10.77 -1.60
CA ASN A 344 10.37 10.22 -2.91
C ASN A 344 9.24 10.97 -3.57
N SER A 345 8.20 11.28 -2.82
CA SER A 345 7.09 12.00 -3.40
C SER A 345 7.46 13.32 -4.05
N LEU A 347 10.33 14.58 -4.76
CA LEU A 347 11.25 14.32 -5.84
C LEU A 347 10.53 13.77 -7.10
N ASN A 348 9.48 12.98 -6.89
CA ASN A 348 8.73 12.43 -8.02
C ASN A 348 7.96 13.55 -8.71
N VAL A 349 7.08 14.25 -7.99
CA VAL A 349 6.31 15.36 -8.61
C VAL A 349 7.21 16.36 -9.32
N LEU A 350 8.21 16.86 -8.63
CA LEU A 350 9.10 17.81 -9.26
C LEU A 350 9.63 17.24 -10.56
N THR A 351 10.13 16.01 -10.54
CA THR A 351 10.65 15.43 -11.77
C THR A 351 9.58 15.25 -12.83
N TYR A 354 8.64 18.55 -14.09
CA TYR A 354 9.75 18.92 -14.94
C TYR A 354 9.60 18.33 -16.35
N ALA A 355 9.48 17.01 -16.41
CA ALA A 355 9.35 16.32 -17.68
C ALA A 355 8.16 16.84 -18.50
N PHE A 356 7.01 16.95 -17.84
CA PHE A 356 5.81 17.41 -18.51
C PHE A 356 6.03 18.74 -19.22
N CYS A 357 6.46 19.75 -18.47
CA CYS A 357 6.72 21.08 -19.02
C CYS A 357 7.69 21.03 -20.18
N GLU A 358 8.81 20.36 -19.98
CA GLU A 358 9.81 20.23 -21.01
C GLU A 358 9.29 19.51 -22.26
N SER A 359 8.29 18.66 -22.10
CA SER A 359 7.72 17.95 -23.25
C SER A 359 6.72 18.80 -24.01
N THR A 360 5.87 19.50 -23.27
CA THR A 360 4.83 20.33 -23.85
C THR A 360 5.25 21.78 -24.13
N GLY A 361 6.12 22.31 -23.28
CA GLY A 361 6.53 23.68 -23.46
C GLY A 361 5.83 24.53 -22.40
N VAL A 362 4.86 23.92 -21.71
CA VAL A 362 4.12 24.60 -20.66
C VAL A 362 5.05 25.11 -19.57
N PRO A 363 5.05 26.43 -19.32
CA PRO A 363 5.91 27.03 -18.29
C PRO A 363 5.71 26.34 -16.93
N TYR A 364 6.80 26.21 -16.17
CA TYR A 364 6.73 25.56 -14.87
C TYR A 364 5.63 26.21 -14.05
N LYS A 365 5.73 27.53 -13.91
CA LYS A 365 4.75 28.32 -13.15
C LYS A 365 3.31 28.15 -13.60
N SER A 366 3.10 27.64 -14.82
CA SER A 366 1.76 27.47 -15.36
C SER A 366 1.20 26.05 -15.31
N PHE A 367 1.94 25.14 -14.70
CA PHE A 367 1.54 23.73 -14.60
C PHE A 367 0.09 23.53 -14.15
N ASN A 368 -0.24 24.06 -12.98
CA ASN A 368 -1.58 23.91 -12.43
C ASN A 368 -2.72 24.51 -13.26
N ARG A 369 -2.35 25.19 -14.34
CA ARG A 369 -3.31 25.80 -15.24
C ARG A 369 -3.79 24.78 -16.24
N VAL A 370 -2.88 23.92 -16.68
CA VAL A 370 -3.19 22.91 -17.68
C VAL A 370 -3.15 21.45 -17.19
N ALA A 371 -2.76 21.24 -15.94
CA ALA A 371 -2.67 19.87 -15.43
C ALA A 371 -2.88 19.71 -13.92
N ARG A 372 -3.32 18.52 -13.54
CA ARG A 372 -3.54 18.17 -12.14
C ARG A 372 -2.71 16.91 -11.87
N ILE A 373 -1.93 16.92 -10.80
CA ILE A 373 -1.05 15.80 -10.46
C ILE A 373 -1.36 15.10 -9.14
N HIS A 374 -1.01 13.81 -9.09
CA HIS A 374 -1.22 13.00 -7.91
C HIS A 374 -0.04 12.07 -7.77
N VAL A 375 0.55 12.07 -6.60
CA VAL A 375 1.75 11.29 -6.36
C VAL A 375 1.72 10.62 -4.99
N CYS A 376 2.31 9.44 -4.93
CA CYS A 376 2.38 8.69 -3.69
C CYS A 376 3.65 7.88 -3.79
N GLY A 377 4.75 8.49 -3.40
CA GLY A 377 6.01 7.81 -3.51
C GLY A 377 6.42 7.98 -4.96
N ASP A 378 6.74 6.89 -5.65
CA ASP A 378 7.13 6.97 -7.05
C ASP A 378 5.91 6.67 -7.90
N ASP A 379 4.82 6.32 -7.21
CA ASP A 379 3.56 5.98 -7.83
C ASP A 379 2.80 7.30 -8.07
N GLY A 380 2.13 7.40 -9.20
CA GLY A 380 1.38 8.61 -9.48
C GLY A 380 1.02 8.77 -10.93
N PHE A 381 0.24 9.82 -11.21
CA PHE A 381 -0.19 10.13 -12.57
C PHE A 381 -0.59 11.58 -12.59
N LEU A 382 -0.90 12.08 -13.78
CA LEU A 382 -1.34 13.47 -13.94
C LEU A 382 -2.48 13.50 -14.96
N ILE A 383 -3.28 14.56 -14.95
CA ILE A 383 -4.38 14.69 -15.88
C ILE A 383 -4.25 15.98 -16.63
N THR A 384 -4.35 15.90 -17.95
CA THR A 384 -4.27 17.09 -18.77
C THR A 384 -5.13 16.84 -19.99
N GLU A 385 -5.13 17.79 -20.92
CA GLU A 385 -5.91 17.63 -22.14
C GLU A 385 -5.22 16.64 -23.07
N LYS A 386 -6.02 15.96 -23.90
CA LYS A 386 -5.48 14.98 -24.83
C LYS A 386 -4.21 15.51 -25.52
N GLY A 387 -4.26 16.73 -26.02
CA GLY A 387 -3.11 17.30 -26.69
C GLY A 387 -1.81 17.24 -25.92
N LEU A 388 -1.73 18.01 -24.84
CA LEU A 388 -0.55 18.07 -24.00
C LEU A 388 -0.20 16.70 -23.44
N GLY A 389 -1.24 15.97 -23.01
CA GLY A 389 -1.06 14.65 -22.44
C GLY A 389 -0.23 13.68 -23.25
N LEU A 390 -0.55 13.51 -24.52
CA LEU A 390 0.20 12.59 -25.34
C LEU A 390 1.55 13.14 -25.77
N LYS A 391 1.67 14.46 -25.84
CA LYS A 391 2.93 15.03 -26.23
C LYS A 391 3.88 14.64 -25.10
N PHE A 392 3.35 14.64 -23.89
CA PHE A 392 4.12 14.31 -22.69
C PHE A 392 4.49 12.83 -22.67
N ALA A 393 3.50 11.98 -22.95
CA ALA A 393 3.73 10.54 -22.95
C ALA A 393 4.80 10.12 -23.95
N ASN A 394 4.89 10.83 -25.07
CA ASN A 394 5.87 10.49 -26.10
C ASN A 394 7.26 11.08 -25.85
N LYS A 395 7.31 12.37 -25.55
CA LYS A 395 8.59 13.02 -25.29
C LYS A 395 9.06 12.76 -23.87
N GLY A 396 8.16 12.30 -23.02
CA GLY A 396 8.53 11.99 -21.64
C GLY A 396 9.44 10.81 -21.39
N GLN A 398 12.08 9.83 -23.24
CA GLN A 398 13.42 10.36 -23.37
C GLN A 398 13.80 11.40 -22.34
N ILE A 399 12.97 12.41 -22.14
CA ILE A 399 13.26 13.45 -21.16
C ILE A 399 13.49 12.91 -19.77
N LEU A 400 12.63 12.00 -19.35
CA LEU A 400 12.77 11.41 -18.02
C LEU A 400 14.03 10.58 -17.92
N HIS A 401 14.26 9.77 -18.94
CA HIS A 401 15.42 8.90 -18.97
C HIS A 401 16.71 9.64 -18.72
N GLU A 402 16.92 10.75 -19.42
CA GLU A 402 18.17 11.48 -19.20
C GLU A 402 18.14 12.29 -17.92
N ALA A 403 16.97 12.35 -17.30
CA ALA A 403 16.81 13.08 -16.05
C ALA A 403 17.14 12.12 -14.93
N GLY A 404 17.38 10.86 -15.27
CA GLY A 404 17.71 9.89 -14.25
C GLY A 404 16.57 9.08 -13.65
N LYS A 405 15.42 9.07 -14.28
CA LYS A 405 14.29 8.26 -13.79
C LYS A 405 13.75 7.47 -14.99
N PRO A 406 14.47 6.39 -15.37
CA PRO A 406 14.14 5.52 -16.49
C PRO A 406 12.75 4.93 -16.32
N GLN A 407 11.95 5.06 -17.37
CA GLN A 407 10.59 4.56 -17.36
C GLN A 407 10.61 3.12 -17.87
N LYS A 408 9.80 2.27 -17.24
CA LYS A 408 9.71 0.88 -17.64
C LYS A 408 9.44 0.80 -19.14
N ILE A 409 10.23 -0.03 -19.81
CA ILE A 409 10.10 -0.19 -21.24
C ILE A 409 8.84 -0.96 -21.58
N THR A 410 8.11 -0.42 -22.54
CA THR A 410 6.84 -0.99 -22.94
C THR A 410 6.76 -1.13 -24.46
N GLU A 411 5.82 -1.95 -24.92
CA GLU A 411 5.66 -2.17 -26.35
C GLU A 411 5.15 -0.92 -27.07
N GLY A 412 4.43 -0.08 -26.34
CA GLY A 412 3.88 1.14 -26.93
C GLY A 412 4.94 2.18 -27.21
N GLU A 413 6.08 2.05 -26.51
CA GLU A 413 7.21 2.96 -26.65
C GLU A 413 6.98 4.33 -26.02
N LYS A 414 5.78 4.54 -25.48
CA LYS A 414 5.43 5.80 -24.83
C LYS A 414 4.77 5.54 -23.48
N LYS A 416 2.25 5.21 -20.36
CA LYS A 416 0.90 4.66 -20.36
C LYS A 416 -0.17 5.74 -20.28
N VAL A 417 -0.98 5.83 -21.32
CA VAL A 417 -2.05 6.82 -21.38
C VAL A 417 -3.42 6.21 -21.15
N ALA A 418 -4.29 6.96 -20.49
CA ALA A 418 -5.64 6.49 -20.22
C ALA A 418 -6.64 7.47 -20.82
N TYR A 419 -7.51 6.98 -21.70
CA TYR A 419 -8.50 7.84 -22.34
C TYR A 419 -9.85 7.71 -21.66
N ARG A 420 -9.95 6.81 -20.68
CA ARG A 420 -11.19 6.61 -19.94
C ARG A 420 -10.85 6.77 -18.47
N PHE A 421 -11.77 7.34 -17.71
CA PHE A 421 -11.54 7.56 -16.28
C PHE A 421 -11.32 6.26 -15.53
N GLU A 422 -12.09 5.24 -15.86
CA GLU A 422 -11.96 3.95 -15.19
C GLU A 422 -10.62 3.27 -15.49
N ASP A 423 -9.96 3.71 -16.57
CA ASP A 423 -8.67 3.16 -16.97
C ASP A 423 -7.49 3.78 -16.20
N ILE A 424 -7.80 4.65 -15.26
CA ILE A 424 -6.79 5.28 -14.45
C ILE A 424 -6.36 4.32 -13.37
N GLU A 425 -5.08 3.98 -13.33
CA GLU A 425 -4.60 3.08 -12.30
C GLU A 425 -3.79 3.90 -11.31
N PHE A 426 -3.99 3.67 -10.02
CA PHE A 426 -3.25 4.40 -9.01
C PHE A 426 -3.24 3.58 -7.72
N CYS A 427 -2.05 3.37 -7.17
CA CYS A 427 -1.87 2.58 -5.96
C CYS A 427 -2.51 1.20 -6.06
N SER A 428 -2.42 0.61 -7.24
CA SER A 428 -2.96 -0.71 -7.50
C SER A 428 -4.47 -0.72 -7.51
N HIS A 429 -5.07 0.40 -7.87
CA HIS A 429 -6.53 0.49 -7.90
C HIS A 429 -7.00 1.37 -9.07
N THR A 430 -8.22 1.15 -9.53
CA THR A 430 -8.82 1.96 -10.59
C THR A 430 -10.21 2.28 -10.15
N PRO A 431 -10.77 3.39 -10.63
CA PRO A 431 -12.12 3.81 -10.27
C PRO A 431 -13.25 2.91 -10.77
N VAL A 432 -14.06 2.44 -9.82
CA VAL A 432 -15.21 1.61 -10.10
C VAL A 432 -16.43 2.51 -9.90
N PRO A 433 -17.32 2.55 -10.89
CA PRO A 433 -18.52 3.39 -10.81
C PRO A 433 -19.56 2.81 -9.85
N VAL A 434 -20.16 3.67 -9.05
CA VAL A 434 -21.19 3.22 -8.13
C VAL A 434 -22.43 4.10 -8.28
N ARG A 435 -23.60 3.46 -8.32
CA ARG A 435 -24.87 4.16 -8.45
C ARG A 435 -25.60 4.05 -7.12
N TRP A 436 -25.90 5.21 -6.52
CA TRP A 436 -26.58 5.22 -5.25
C TRP A 436 -28.08 5.27 -5.44
N SER A 437 -28.82 4.85 -4.41
CA SER A 437 -30.27 4.83 -4.47
C SER A 437 -30.87 6.16 -4.91
N ASP A 438 -30.34 7.27 -4.42
CA ASP A 438 -30.88 8.58 -4.78
C ASP A 438 -30.47 9.03 -6.19
N ASN A 439 -30.26 8.06 -7.08
CA ASN A 439 -29.88 8.33 -8.47
C ASN A 439 -28.65 9.19 -8.69
N THR A 440 -27.74 9.21 -7.71
CA THR A 440 -26.50 9.96 -7.87
C THR A 440 -25.40 8.93 -8.06
N SER A 441 -24.21 9.38 -8.43
CA SER A 441 -23.11 8.46 -8.65
C SER A 441 -21.83 8.95 -8.00
N SER A 442 -20.83 8.08 -7.96
CA SER A 442 -19.53 8.38 -7.40
C SER A 442 -18.65 7.21 -7.80
N HIS A 443 -17.37 7.27 -7.45
CA HIS A 443 -16.46 6.18 -7.80
C HIS A 443 -15.73 5.69 -6.56
N ALA A 445 -12.64 2.66 -4.95
CA ALA A 445 -11.35 2.07 -5.28
C ALA A 445 -11.51 0.62 -5.67
N GLY A 446 -11.25 0.34 -6.94
CA GLY A 446 -11.38 -1.01 -7.47
C GLY A 446 -10.07 -1.73 -7.73
N ARG A 447 -10.16 -3.05 -7.79
CA ARG A 447 -9.02 -3.94 -8.00
C ARG A 447 -9.61 -5.30 -8.40
N ASP A 448 -8.81 -6.15 -9.05
CA ASP A 448 -9.32 -7.47 -9.43
C ASP A 448 -9.82 -8.18 -8.18
N THR A 449 -10.99 -8.80 -8.27
CA THR A 449 -11.55 -9.50 -7.15
C THR A 449 -10.59 -10.57 -6.63
N ALA A 450 -10.04 -11.34 -7.57
CA ALA A 450 -9.09 -12.40 -7.24
C ALA A 450 -8.08 -11.92 -6.20
N VAL A 451 -7.54 -10.72 -6.40
CA VAL A 451 -6.58 -10.15 -5.48
C VAL A 451 -7.19 -9.72 -4.15
N ILE A 452 -8.37 -9.10 -4.19
CA ILE A 452 -8.98 -8.68 -2.94
C ILE A 452 -9.14 -9.96 -2.12
N LEU A 453 -9.79 -10.96 -2.70
CA LEU A 453 -9.98 -12.23 -2.00
C LEU A 453 -8.66 -12.81 -1.50
N SER A 454 -7.59 -12.66 -2.28
CA SER A 454 -6.29 -13.19 -1.89
C SER A 454 -5.83 -12.51 -0.62
N LYS A 455 -5.75 -11.19 -0.68
CA LYS A 455 -5.31 -10.42 0.47
C LYS A 455 -6.24 -10.59 1.66
N ALA A 457 -7.88 -13.27 2.45
CA ALA A 457 -7.73 -14.60 3.01
C ALA A 457 -6.36 -14.85 3.66
N THR A 458 -5.31 -14.27 3.09
CA THR A 458 -3.97 -14.48 3.63
C THR A 458 -3.46 -13.39 4.57
N ARG A 459 -4.23 -12.33 4.77
CA ARG A 459 -3.78 -11.31 5.69
C ARG A 459 -3.97 -11.91 7.08
N LEU A 460 -2.88 -12.22 7.76
CA LEU A 460 -2.97 -12.80 9.09
C LEU A 460 -2.39 -11.82 10.08
N ASP A 461 -3.18 -11.31 11.05
CA ASP A 461 -2.40 -10.50 11.93
C ASP A 461 -1.66 -11.08 13.03
N SER A 462 -0.46 -10.54 12.87
CA SER A 462 0.73 -10.66 13.62
C SER A 462 0.88 -9.71 14.78
N SER A 463 -0.15 -9.56 15.59
CA SER A 463 -0.01 -8.77 16.80
C SER A 463 0.42 -10.12 17.39
N GLY A 464 1.00 -10.90 16.46
CA GLY A 464 1.53 -12.24 16.65
C GLY A 464 0.44 -13.24 16.88
N GLU A 465 -0.49 -12.83 17.72
CA GLU A 465 -1.61 -13.63 18.16
C GLU A 465 -2.28 -14.58 17.14
N ARG A 466 -2.79 -15.70 17.71
CA ARG A 466 -3.46 -16.79 16.99
C ARG A 466 -4.70 -16.19 16.30
N GLY A 467 -4.90 -14.91 16.49
CA GLY A 467 -6.06 -14.30 15.90
C GLY A 467 -7.33 -14.87 16.43
N THR A 468 -8.20 -13.91 16.62
CA THR A 468 -9.52 -14.07 17.15
C THR A 468 -10.57 -14.29 16.06
N THR A 469 -11.69 -13.62 16.27
CA THR A 469 -12.86 -13.57 15.41
C THR A 469 -13.13 -12.13 15.76
N ALA A 470 -12.19 -11.58 16.51
CA ALA A 470 -12.26 -10.21 16.94
C ALA A 470 -11.27 -9.49 16.06
N TYR A 471 -10.55 -10.25 15.24
CA TYR A 471 -9.58 -9.67 14.33
C TYR A 471 -10.14 -9.82 12.93
N GLU A 472 -10.71 -10.99 12.66
CA GLU A 472 -11.31 -11.24 11.35
C GLU A 472 -12.47 -10.28 11.12
N LYS A 473 -13.03 -9.76 12.20
CA LYS A 473 -14.12 -8.80 12.08
C LYS A 473 -13.53 -7.45 11.69
N ALA A 474 -12.43 -7.08 12.33
CA ALA A 474 -11.81 -5.80 12.01
C ALA A 474 -11.32 -5.84 10.56
N VAL A 475 -10.89 -7.02 10.10
CA VAL A 475 -10.42 -7.16 8.72
C VAL A 475 -11.60 -7.00 7.76
N ALA A 476 -12.68 -7.72 8.03
CA ALA A 476 -13.87 -7.64 7.18
C ALA A 476 -14.38 -6.21 7.18
N PHE A 477 -14.36 -5.56 8.33
CA PHE A 477 -14.81 -4.18 8.38
C PHE A 477 -13.90 -3.33 7.50
N SER A 478 -12.59 -3.59 7.59
CA SER A 478 -11.61 -2.86 6.81
C SER A 478 -11.79 -3.11 5.32
N PHE A 479 -12.13 -4.33 4.95
CA PHE A 479 -12.34 -4.60 3.54
C PHE A 479 -13.70 -4.06 3.07
N LEU A 480 -14.61 -3.87 4.02
CA LEU A 480 -15.93 -3.34 3.68
C LEU A 480 -15.76 -1.90 3.22
N LEU A 481 -15.12 -1.08 4.04
CA LEU A 481 -14.90 0.32 3.68
C LEU A 481 -14.31 0.49 2.28
N TYR A 483 -14.01 -2.09 -0.27
CA TYR A 483 -14.63 -2.78 -1.39
C TYR A 483 -16.13 -3.05 -1.36
N SER A 484 -16.91 -2.13 -0.79
CA SER A 484 -18.36 -2.31 -0.73
C SER A 484 -18.96 -2.46 -2.13
N TRP A 485 -18.27 -1.91 -3.13
CA TRP A 485 -18.69 -1.97 -4.53
C TRP A 485 -18.57 -3.39 -5.10
N ASN A 486 -17.97 -4.30 -4.35
CA ASN A 486 -17.80 -5.68 -4.80
C ASN A 486 -18.79 -6.57 -4.04
N PRO A 487 -19.91 -6.94 -4.68
CA PRO A 487 -20.93 -7.79 -4.06
C PRO A 487 -20.39 -9.00 -3.30
N LEU A 488 -19.61 -9.83 -3.99
CA LEU A 488 -19.04 -11.03 -3.39
C LEU A 488 -18.29 -10.67 -2.13
N VAL A 489 -17.33 -9.77 -2.27
CA VAL A 489 -16.52 -9.37 -1.13
C VAL A 489 -17.37 -8.75 -0.05
N ARG A 490 -18.26 -7.84 -0.44
CA ARG A 490 -19.15 -7.16 0.52
C ARG A 490 -19.96 -8.15 1.38
N ARG A 491 -20.54 -9.15 0.74
CA ARG A 491 -21.32 -10.16 1.42
C ARG A 491 -20.48 -11.04 2.34
N ILE A 492 -19.26 -11.35 1.91
CA ILE A 492 -18.38 -12.16 2.74
C ILE A 492 -18.10 -11.40 4.02
N CYS A 493 -17.88 -10.10 3.88
CA CYS A 493 -17.63 -9.27 5.06
C CYS A 493 -18.84 -9.29 6.00
N LEU A 494 -20.02 -9.00 5.45
CA LEU A 494 -21.22 -8.96 6.24
C LEU A 494 -21.44 -10.24 7.02
N LEU A 495 -21.07 -11.37 6.43
CA LEU A 495 -21.22 -12.65 7.12
C LEU A 495 -20.26 -12.69 8.32
N VAL A 496 -19.00 -12.37 8.06
CA VAL A 496 -17.99 -12.36 9.12
C VAL A 496 -18.40 -11.42 10.23
N LEU A 497 -18.94 -10.26 9.88
CA LEU A 497 -19.37 -9.26 10.85
C LEU A 497 -20.62 -9.66 11.62
N SER A 498 -21.33 -10.67 11.11
CA SER A 498 -22.52 -11.14 11.80
C SER A 498 -22.12 -11.98 13.00
N GLN A 499 -20.91 -12.52 12.97
CA GLN A 499 -20.41 -13.39 14.02
C GLN A 499 -20.03 -12.73 15.34
N GLN A 500 -20.40 -13.39 16.43
CA GLN A 500 -20.11 -12.93 17.78
C GLN A 500 -20.31 -11.44 18.02
N PRO A 501 -21.57 -10.99 17.97
CA PRO A 501 -21.93 -9.59 18.17
C PRO A 501 -21.38 -8.92 19.42
N GLU A 502 -21.28 -9.66 20.52
CA GLU A 502 -20.80 -9.07 21.76
C GLU A 502 -19.30 -9.13 21.95
N THR A 503 -18.55 -9.04 20.86
CA THR A 503 -17.10 -9.06 20.92
C THR A 503 -16.57 -7.97 19.98
N ASP A 504 -16.08 -6.88 20.57
CA ASP A 504 -15.56 -5.76 19.81
C ASP A 504 -14.51 -6.21 18.80
N PRO A 505 -14.26 -5.40 17.76
CA PRO A 505 -13.27 -5.76 16.74
C PRO A 505 -11.83 -5.50 17.19
N SER A 506 -10.88 -6.15 16.53
CA SER A 506 -9.47 -5.99 16.84
C SER A 506 -8.98 -4.65 16.37
N LYS A 507 -7.91 -4.15 16.98
CA LYS A 507 -7.40 -2.88 16.55
C LYS A 507 -6.16 -3.10 15.71
N HIS A 508 -5.88 -4.37 15.40
CA HIS A 508 -4.70 -4.71 14.62
C HIS A 508 -4.96 -4.80 13.12
N ALA A 509 -6.12 -4.32 12.67
CA ALA A 509 -6.46 -4.31 11.25
C ALA A 509 -6.20 -2.91 10.75
N THR A 510 -6.47 -2.65 9.47
CA THR A 510 -6.23 -1.33 8.91
C THR A 510 -7.12 -0.34 9.64
N TYR A 511 -8.42 -0.61 9.60
CA TYR A 511 -9.39 0.23 10.29
C TYR A 511 -10.17 -0.66 11.24
N TYR A 512 -10.78 -0.04 12.23
CA TYR A 512 -11.61 -0.79 13.15
C TYR A 512 -12.76 0.13 13.46
N TYR A 513 -13.81 -0.41 14.07
CA TYR A 513 -14.99 0.41 14.33
C TYR A 513 -15.43 0.44 15.78
N LYS A 514 -16.19 1.49 16.12
CA LYS A 514 -16.74 1.65 17.44
C LYS A 514 -18.24 1.76 17.19
N GLY A 515 -19.04 1.06 18.00
CA GLY A 515 -20.47 1.10 17.80
C GLY A 515 -20.85 0.14 16.68
N ASP A 516 -21.80 0.55 15.85
CA ASP A 516 -22.26 -0.29 14.76
C ASP A 516 -21.38 -0.15 13.50
N PRO A 517 -20.90 -1.28 12.97
CA PRO A 517 -20.05 -1.34 11.77
C PRO A 517 -20.70 -0.57 10.64
N ILE A 518 -21.95 -0.95 10.35
CA ILE A 518 -22.75 -0.35 9.30
C ILE A 518 -22.97 1.13 9.61
N GLY A 519 -23.07 1.45 10.90
CA GLY A 519 -23.23 2.83 11.30
C GLY A 519 -21.94 3.53 10.94
N ALA A 520 -20.84 2.88 11.28
CA ALA A 520 -19.48 3.39 11.01
C ALA A 520 -19.19 3.55 9.53
N TYR A 521 -19.68 2.60 8.73
CA TYR A 521 -19.48 2.67 7.29
C TYR A 521 -19.98 4.01 6.82
N LYS A 522 -21.15 4.38 7.31
CA LYS A 522 -21.75 5.67 6.96
C LYS A 522 -20.82 6.79 7.40
N ASP A 523 -20.29 6.67 8.61
CA ASP A 523 -19.41 7.68 9.17
C ASP A 523 -18.34 8.18 8.23
N VAL A 524 -17.64 7.28 7.55
CA VAL A 524 -16.58 7.70 6.64
C VAL A 524 -16.94 7.75 5.18
N ILE A 525 -17.78 6.83 4.73
CA ILE A 525 -18.17 6.81 3.32
C ILE A 525 -19.13 7.93 2.95
N GLY A 526 -19.91 8.40 3.92
CA GLY A 526 -20.84 9.49 3.66
C GLY A 526 -22.25 9.04 3.33
N ARG A 527 -22.39 7.78 2.94
CA ARG A 527 -23.69 7.23 2.59
C ARG A 527 -23.84 5.93 3.37
N ASN A 528 -25.04 5.37 3.37
CA ASN A 528 -25.26 4.13 4.09
C ASN A 528 -25.08 2.98 3.13
N LEU A 529 -24.61 1.86 3.64
CA LEU A 529 -24.37 0.70 2.78
C LEU A 529 -25.61 0.39 1.94
N SER A 530 -26.77 0.34 2.59
CA SER A 530 -28.05 0.04 1.93
C SER A 530 -28.39 0.97 0.73
N GLU A 531 -27.82 2.15 0.73
CA GLU A 531 -28.06 3.10 -0.33
C GLU A 531 -27.25 2.73 -1.58
N LEU A 532 -26.35 1.77 -1.46
CA LEU A 532 -25.52 1.36 -2.60
C LEU A 532 -26.43 0.56 -3.52
N LYS A 533 -26.90 1.21 -4.59
CA LYS A 533 -27.82 0.57 -5.51
C LYS A 533 -27.23 -0.22 -6.66
N ARG A 534 -26.09 0.19 -7.20
CA ARG A 534 -25.50 -0.55 -8.30
C ARG A 534 -24.02 -0.27 -8.51
N THR A 535 -23.36 -1.19 -9.21
CA THR A 535 -21.94 -1.07 -9.49
C THR A 535 -21.81 -1.12 -11.01
N GLY A 536 -20.98 -0.26 -11.57
CA GLY A 536 -20.76 -0.26 -13.01
C GLY A 536 -20.72 -1.69 -13.47
N PHE A 537 -21.65 -2.05 -14.34
CA PHE A 537 -21.71 -3.43 -14.81
C PHE A 537 -20.42 -3.88 -15.48
N GLU A 538 -20.06 -3.20 -16.56
CA GLU A 538 -18.87 -3.55 -17.32
C GLU A 538 -17.53 -3.34 -16.62
N LYS A 539 -17.51 -2.67 -15.48
CA LYS A 539 -16.24 -2.49 -14.76
C LYS A 539 -16.18 -3.69 -13.84
N LEU A 540 -17.21 -3.86 -13.02
CA LEU A 540 -17.26 -5.00 -12.12
C LEU A 540 -16.98 -6.26 -12.93
N ALA A 541 -17.65 -6.39 -14.07
CA ALA A 541 -17.49 -7.54 -14.95
C ALA A 541 -16.01 -7.86 -15.21
N ASN A 542 -15.25 -6.86 -15.65
CA ASN A 542 -13.83 -7.05 -15.92
C ASN A 542 -13.06 -7.48 -14.65
N LEU A 543 -13.26 -6.76 -13.55
CA LEU A 543 -12.61 -7.07 -12.28
C LEU A 543 -12.95 -8.47 -11.73
N ASN A 544 -13.87 -9.16 -12.39
CA ASN A 544 -14.23 -10.53 -11.97
C ASN A 544 -13.75 -11.54 -13.02
N LEU A 545 -13.24 -11.05 -14.14
CA LEU A 545 -12.78 -11.96 -15.18
C LEU A 545 -11.76 -12.98 -14.66
N SER A 546 -10.68 -12.50 -14.03
CA SER A 546 -9.62 -13.37 -13.51
C SER A 546 -10.13 -14.50 -12.61
N LEU A 547 -11.20 -14.25 -11.87
CA LEU A 547 -11.76 -15.26 -10.97
C LEU A 547 -12.07 -16.58 -11.68
N SER A 548 -12.29 -16.52 -12.98
CA SER A 548 -12.60 -17.71 -13.75
C SER A 548 -11.34 -18.23 -14.44
N THR A 549 -10.60 -17.33 -15.08
CA THR A 549 -9.37 -17.69 -15.76
C THR A 549 -8.50 -18.50 -14.80
N LEU A 550 -8.45 -18.08 -13.54
CA LEU A 550 -7.63 -18.77 -12.57
C LEU A 550 -8.41 -19.83 -11.80
N GLY A 551 -9.68 -20.02 -12.16
CA GLY A 551 -10.49 -21.01 -11.48
C GLY A 551 -10.54 -20.83 -9.97
N VAL A 552 -10.72 -19.60 -9.53
CA VAL A 552 -10.79 -19.33 -8.09
C VAL A 552 -12.20 -19.60 -7.57
N TRP A 553 -13.21 -19.43 -8.42
CA TRP A 553 -14.58 -19.67 -8.00
C TRP A 553 -15.34 -20.57 -8.97
N THR A 554 -16.50 -21.07 -8.52
CA THR A 554 -17.32 -21.92 -9.36
C THR A 554 -18.54 -21.14 -9.80
N LYS A 555 -19.24 -21.65 -10.81
CA LYS A 555 -20.42 -20.96 -11.33
C LYS A 555 -21.58 -20.94 -10.34
N HIS A 556 -21.31 -21.25 -9.08
CA HIS A 556 -22.35 -21.26 -8.05
C HIS A 556 -21.99 -20.45 -6.82
N THR A 557 -20.72 -20.05 -6.75
CA THR A 557 -20.22 -19.28 -5.62
C THR A 557 -21.16 -18.11 -5.30
N SER A 558 -21.36 -17.23 -6.27
CA SER A 558 -22.23 -16.08 -6.07
C SER A 558 -23.54 -16.47 -5.45
N LYS A 559 -24.21 -17.46 -6.06
CA LYS A 559 -25.51 -17.95 -5.57
C LYS A 559 -25.37 -18.35 -4.10
N ARG A 560 -24.42 -19.26 -3.85
CA ARG A 560 -24.15 -19.77 -2.51
C ARG A 560 -23.94 -18.71 -1.45
N ILE A 561 -23.08 -17.73 -1.72
CA ILE A 561 -22.84 -16.69 -0.74
C ILE A 561 -24.15 -15.94 -0.48
N ILE A 562 -24.94 -15.77 -1.54
CA ILE A 562 -26.21 -15.07 -1.39
C ILE A 562 -27.15 -15.86 -0.48
N GLN A 563 -27.13 -17.17 -0.61
CA GLN A 563 -27.97 -18.03 0.21
C GLN A 563 -27.48 -17.99 1.65
N ASP A 564 -26.16 -17.97 1.81
CA ASP A 564 -25.57 -17.94 3.15
C ASP A 564 -26.05 -16.72 3.89
N CYS A 565 -26.20 -15.63 3.15
CA CYS A 565 -26.66 -14.38 3.72
C CYS A 565 -28.14 -14.46 4.07
N VAL A 566 -28.96 -14.81 3.09
CA VAL A 566 -30.40 -14.91 3.32
C VAL A 566 -30.66 -15.70 4.59
N ALA A 567 -30.17 -16.94 4.64
CA ALA A 567 -30.35 -17.80 5.80
C ALA A 567 -30.30 -16.98 7.10
N ILE A 568 -29.23 -16.21 7.27
CA ILE A 568 -29.06 -15.41 8.48
C ILE A 568 -30.06 -14.28 8.64
N GLY A 569 -30.34 -13.56 7.57
CA GLY A 569 -31.27 -12.45 7.67
C GLY A 569 -32.76 -12.67 7.43
N LYS A 570 -33.19 -13.92 7.37
CA LYS A 570 -34.59 -14.28 7.14
C LYS A 570 -35.52 -13.91 8.29
N GLU A 571 -35.35 -14.63 9.40
CA GLU A 571 -36.21 -14.42 10.56
C GLU A 571 -36.27 -12.98 11.09
N GLU A 572 -37.47 -12.56 11.45
CA GLU A 572 -37.70 -11.23 12.00
C GLU A 572 -36.56 -10.80 12.94
N GLY A 573 -36.03 -9.63 12.69
CA GLY A 573 -34.95 -9.11 13.49
C GLY A 573 -34.21 -8.10 12.65
N ASN A 574 -33.30 -7.38 13.29
CA ASN A 574 -32.52 -6.37 12.60
C ASN A 574 -31.13 -6.97 12.35
N TRP A 575 -30.97 -7.60 11.19
CA TRP A 575 -29.72 -8.25 10.83
C TRP A 575 -28.78 -7.46 9.92
N LEU A 576 -27.57 -7.26 10.40
CA LEU A 576 -26.55 -6.52 9.67
C LEU A 576 -26.17 -7.08 8.29
N VAL A 577 -26.88 -8.11 7.82
CA VAL A 577 -26.60 -8.67 6.49
C VAL A 577 -27.61 -8.14 5.50
N LYS A 578 -28.65 -7.49 6.04
CA LYS A 578 -29.70 -6.91 5.22
C LYS A 578 -29.28 -5.55 4.66
N PRO A 579 -28.07 -5.05 4.99
CA PRO A 579 -27.68 -3.75 4.43
C PRO A 579 -27.32 -3.94 2.96
N ASP A 580 -27.29 -5.19 2.56
CA ASP A 580 -27.01 -5.53 1.17
C ASP A 580 -28.38 -5.49 0.56
N ARG A 581 -28.60 -4.58 -0.38
CA ARG A 581 -29.90 -4.47 -1.01
C ARG A 581 -30.45 -5.81 -1.49
N LEU A 582 -29.69 -6.52 -2.33
CA LEU A 582 -30.16 -7.81 -2.85
C LEU A 582 -30.62 -8.76 -1.76
N ILE A 583 -29.82 -8.89 -0.70
CA ILE A 583 -30.19 -9.79 0.37
C ILE A 583 -31.48 -9.29 1.01
N SER A 584 -31.58 -7.97 1.18
CA SER A 584 -32.77 -7.37 1.78
C SER A 584 -34.04 -7.71 1.01
N SER A 585 -34.02 -7.47 -0.29
CA SER A 585 -35.16 -7.75 -1.13
C SER A 585 -35.58 -9.22 -1.04
N LYS A 586 -34.62 -10.11 -0.80
CA LYS A 586 -34.91 -11.53 -0.72
C LYS A 586 -35.43 -12.00 0.63
N THR A 587 -35.10 -11.29 1.69
CA THR A 587 -35.59 -11.66 3.02
C THR A 587 -36.75 -10.75 3.38
N GLY A 588 -36.89 -9.66 2.64
CA GLY A 588 -37.96 -8.73 2.91
C GLY A 588 -37.68 -7.88 4.13
N HIS A 589 -36.48 -7.97 4.70
CA HIS A 589 -36.13 -7.17 5.87
C HIS A 589 -35.04 -6.15 5.56
N LEU A 590 -35.11 -5.01 6.23
CA LEU A 590 -34.11 -3.97 6.08
C LEU A 590 -33.21 -4.06 7.29
N TYR A 591 -32.19 -3.21 7.31
CA TYR A 591 -31.32 -3.18 8.47
C TYR A 591 -31.27 -1.73 8.97
N ILE A 592 -31.75 -1.51 10.18
CA ILE A 592 -31.70 -0.16 10.74
C ILE A 592 -30.49 -0.01 11.68
N PRO A 593 -29.42 0.63 11.16
CA PRO A 593 -28.18 0.89 11.87
C PRO A 593 -28.36 1.73 13.11
N ASP A 594 -27.42 1.56 14.03
CA ASP A 594 -27.34 2.32 15.27
C ASP A 594 -26.01 3.00 15.00
N LYS A 595 -25.75 4.14 15.64
CA LYS A 595 -24.51 4.87 15.38
C LYS A 595 -23.22 4.05 15.37
N GLY A 596 -22.23 4.54 14.63
CA GLY A 596 -20.95 3.85 14.54
C GLY A 596 -19.87 4.84 14.12
N PHE A 597 -18.62 4.54 14.47
CA PHE A 597 -17.52 5.43 14.13
C PHE A 597 -16.29 4.66 13.63
N THR A 598 -15.69 5.13 12.54
CA THR A 598 -14.50 4.50 11.96
C THR A 598 -13.19 5.03 12.57
N LEU A 599 -12.18 4.15 12.67
CA LEU A 599 -10.87 4.51 13.22
C LEU A 599 -9.72 3.68 12.63
N GLN A 600 -8.49 4.18 12.70
CA GLN A 600 -7.32 3.43 12.20
C GLN A 600 -6.83 2.53 13.34
N GLY A 601 -5.76 1.76 13.10
CA GLY A 601 -5.22 0.90 14.14
C GLY A 601 -3.78 1.21 14.60
N LYS A 602 -2.85 0.30 14.34
CA LYS A 602 -1.43 0.51 14.69
C LYS A 602 -0.92 0.98 13.33
N HIS A 603 -0.91 2.29 13.12
CA HIS A 603 -0.58 2.88 11.83
C HIS A 603 0.80 3.20 11.25
N TYR A 604 0.78 3.19 9.91
CA TYR A 604 1.90 3.43 9.00
C TYR A 604 2.06 4.95 8.80
N GLU A 605 1.05 5.54 8.16
CA GLU A 605 1.01 6.99 7.92
C GLU A 605 -0.39 7.39 8.36
N GLN A 606 -0.49 8.28 9.35
CA GLN A 606 -1.80 8.66 9.84
C GLN A 606 -2.74 9.23 8.78
N LEU A 607 -3.71 8.42 8.35
CA LEU A 607 -4.69 8.89 7.36
C LEU A 607 -5.57 9.93 8.03
N GLN A 608 -5.83 11.05 7.36
CA GLN A 608 -6.69 12.01 7.98
C GLN A 608 -8.08 11.70 7.44
N LEU A 609 -8.83 10.88 8.19
CA LEU A 609 -10.21 10.52 7.83
C LEU A 609 -11.08 11.75 7.95
#